data_7FO1
#
_entry.id   7FO1
#
_cell.length_a   88.553
_cell.length_b   82.076
_cell.length_c   93.766
_cell.angle_alpha   90
_cell.angle_beta   108.33
_cell.angle_gamma   90
#
_symmetry.space_group_name_H-M   'C 1 2 1'
#
loop_
_entity.id
_entity.type
_entity.pdbx_description
1 polymer 'Pre-mRNA-splicing factor 8'
2 polymer 'A1 cistron-splicing factor AAR2'
3 non-polymer 3-[(2-methylpropyl)sulfanyl]-N-(pyridin-3-yl)propanamide
4 water water
#
loop_
_entity_poly.entity_id
_entity_poly.type
_entity_poly.pdbx_seq_one_letter_code
_entity_poly.pdbx_strand_id
1 'polypeptide(L)'
;GAMNSSNYAELFNNDIKLFVDDTNVYRVTVHKTFEGNVATKAINGCIFTLNPKTGHLFLKIIHTSVWAGQKRLSQLAKWK
TAEEVSALVRSLPKEEQPKQIIVTRKAMLDPLEVHMLDFPNIAIRPTELRLPFSAAMSIDKLSDVVMKATEPQMVLFNIY
DDWLDRISSYTAFSRLTLLLRALKTNEESAKMILLSDPTITIKSYHLWPSFTDEQWITIESQMRDLILTEYGRKYNVNIS
ALTQTEIKDIILGQNIKA
;
A
2 'polypeptide(L)'
;GAMAMNTVPFTSAPIEVTIGIDQYSFNVKENQPFHGIKDIPIGHVHVIHFQHADNSSMRYGYWFDCRMGNFYIQYDPKDG
LYKMMEERDGAKFENIVHNFKERQMMVSYPKIDEDDTWYNLTEFVQMDKIRKIVRKDENQFSYVDSSMTTVQENELSSSS
SDPAHSLNYTVINFKSREAIRPGHEMEDFLDKSYYLNTVMLQGIFKNSSNYFGELQFAFLNAMFFGNYGSSLQWHAMIEL
ICSSATVPKHMLDKLDEILYYQIKTLPEQYSDILLNERVWNICLYSSFQKNSLHNTEKIMENKYPELL
;
B
#
loop_
_chem_comp.id
_chem_comp.type
_chem_comp.name
_chem_comp.formula
W0R non-polymer 3-[(2-methylpropyl)sulfanyl]-N-(pyridin-3-yl)propanamide 'C12 H18 N2 O S'
#
# COMPACT_ATOMS: atom_id res chain seq x y z
N GLY A 1 12.30 10.47 -3.10
CA GLY A 1 11.11 11.04 -2.50
C GLY A 1 10.60 12.27 -3.23
N ALA A 2 10.09 13.25 -2.48
CA ALA A 2 9.43 14.39 -3.11
C ALA A 2 10.43 15.44 -3.60
N MET A 3 10.03 16.12 -4.66
CA MET A 3 10.81 17.19 -5.28
C MET A 3 10.34 18.51 -4.68
N ASN A 4 11.28 19.34 -4.24
CA ASN A 4 10.91 20.56 -3.50
C ASN A 4 11.97 21.63 -3.78
N SER A 5 11.87 22.75 -3.03
CA SER A 5 12.80 23.86 -3.22
C SER A 5 14.24 23.47 -2.91
N SER A 6 14.44 22.49 -2.03
CA SER A 6 15.79 22.10 -1.63
C SER A 6 16.54 21.44 -2.78
N ASN A 7 15.92 20.46 -3.43
CA ASN A 7 16.54 19.70 -4.51
C ASN A 7 16.15 20.22 -5.89
N TYR A 8 16.04 21.54 -6.02
CA TYR A 8 15.48 22.14 -7.23
C TYR A 8 16.43 22.06 -8.43
N ALA A 9 17.75 22.16 -8.21
CA ALA A 9 18.69 22.06 -9.31
C ALA A 9 18.72 20.66 -9.92
N GLU A 10 18.15 19.66 -9.25
CA GLU A 10 18.14 18.32 -9.81
C GLU A 10 17.38 18.28 -11.13
N LEU A 11 16.44 19.20 -11.31
CA LEU A 11 15.67 19.26 -12.55
C LEU A 11 16.53 19.46 -13.79
N PHE A 12 17.71 20.06 -13.63
CA PHE A 12 18.52 20.49 -14.77
C PHE A 12 19.83 19.71 -14.87
N ASN A 13 19.93 18.60 -14.14
CA ASN A 13 21.06 17.71 -14.32
C ASN A 13 20.83 16.85 -15.56
N ASN A 14 21.71 15.90 -15.79
CA ASN A 14 21.73 15.13 -17.04
C ASN A 14 21.02 13.79 -16.94
N ASP A 15 20.25 13.54 -15.87
CA ASP A 15 19.38 12.38 -15.77
C ASP A 15 18.03 12.74 -16.41
N ILE A 16 17.60 11.98 -17.41
CA ILE A 16 16.36 12.32 -18.08
C ILE A 16 15.20 12.23 -17.11
N LYS A 17 14.35 13.26 -17.09
CA LYS A 17 13.16 13.27 -16.26
C LYS A 17 12.05 14.00 -16.97
N LEU A 18 10.83 13.65 -16.58
CA LEU A 18 9.62 14.27 -17.11
C LEU A 18 8.71 14.69 -15.97
N PHE A 19 8.15 15.90 -16.05
CA PHE A 19 6.99 16.27 -15.27
C PHE A 19 5.75 15.79 -16.00
N VAL A 20 4.77 15.29 -15.26
CA VAL A 20 3.44 14.96 -15.79
C VAL A 20 2.40 15.74 -15.02
N ASP A 21 1.59 16.52 -15.73
CA ASP A 21 0.51 17.29 -15.12
C ASP A 21 -0.77 16.83 -15.77
N ASP A 22 -1.73 16.39 -14.96
CA ASP A 22 -3.02 15.87 -15.42
C ASP A 22 -4.21 16.83 -15.24
N THR A 23 -3.92 18.07 -14.84
N THR A 23 -3.97 18.11 -14.88
CA THR A 23 -4.99 19.01 -14.54
CA THR A 23 -5.10 18.97 -14.53
C THR A 23 -5.99 19.08 -15.68
C THR A 23 -5.95 19.40 -15.71
N ASN A 24 -5.48 19.17 -16.92
CA ASN A 24 -6.29 19.50 -18.09
C ASN A 24 -6.75 18.27 -18.87
N VAL A 25 -6.73 17.09 -18.26
CA VAL A 25 -7.10 15.88 -18.96
C VAL A 25 -8.61 15.81 -19.13
N TYR A 26 -9.34 15.93 -18.01
CA TYR A 26 -10.80 15.87 -17.97
C TYR A 26 -11.30 17.29 -17.73
N ARG A 27 -11.89 17.86 -18.77
CA ARG A 27 -12.38 19.24 -18.73
C ARG A 27 -13.85 19.24 -19.08
N VAL A 28 -14.63 19.99 -18.32
CA VAL A 28 -16.08 20.06 -18.51
C VAL A 28 -16.57 21.51 -18.43
N THR A 29 -17.73 21.74 -19.03
CA THR A 29 -18.56 22.90 -18.76
C THR A 29 -19.79 22.39 -18.03
N VAL A 30 -20.20 23.10 -16.98
CA VAL A 30 -21.37 22.74 -16.19
C VAL A 30 -22.53 23.62 -16.67
N HIS A 31 -23.69 23.01 -16.88
CA HIS A 31 -24.82 23.75 -17.41
C HIS A 31 -26.14 23.19 -16.88
N LYS A 32 -27.20 23.98 -17.08
CA LYS A 32 -28.55 23.57 -16.69
C LYS A 32 -29.21 22.77 -17.82
N THR A 33 -30.01 21.79 -17.42
CA THR A 33 -30.82 21.01 -18.37
C THR A 33 -32.19 21.65 -18.53
N PHE A 34 -32.95 21.19 -19.53
CA PHE A 34 -34.27 21.75 -19.77
C PHE A 34 -35.17 21.62 -18.56
N GLU A 35 -35.02 20.55 -17.78
CA GLU A 35 -35.79 20.30 -16.57
C GLU A 35 -35.25 21.09 -15.39
N GLY A 36 -34.18 21.86 -15.57
CA GLY A 36 -33.60 22.61 -14.48
C GLY A 36 -32.63 21.85 -13.61
N ASN A 37 -32.15 20.70 -14.07
CA ASN A 37 -31.09 19.99 -13.37
C ASN A 37 -29.77 20.50 -13.90
N VAL A 38 -28.66 20.00 -13.36
CA VAL A 38 -27.33 20.37 -13.81
C VAL A 38 -26.72 19.16 -14.50
N ALA A 39 -26.00 19.42 -15.59
CA ALA A 39 -25.25 18.41 -16.31
C ALA A 39 -23.90 18.97 -16.72
N THR A 40 -22.98 18.07 -17.05
CA THR A 40 -21.69 18.46 -17.61
C THR A 40 -21.59 18.06 -19.06
N LYS A 41 -20.80 18.84 -19.81
CA LYS A 41 -20.41 18.51 -21.18
C LYS A 41 -18.88 18.53 -21.23
N ALA A 42 -18.28 17.39 -21.56
CA ALA A 42 -16.82 17.35 -21.65
C ALA A 42 -16.35 18.13 -22.87
N ILE A 43 -15.14 18.68 -22.77
CA ILE A 43 -14.43 19.27 -23.89
C ILE A 43 -13.07 18.61 -23.97
N ASN A 44 -12.42 18.76 -25.12
CA ASN A 44 -11.14 18.10 -25.31
C ASN A 44 -10.15 18.56 -24.27
N GLY A 45 -9.30 17.63 -23.86
CA GLY A 45 -8.27 17.88 -22.87
C GLY A 45 -6.89 17.48 -23.33
N CYS A 46 -5.92 17.47 -22.41
CA CYS A 46 -4.56 17.17 -22.77
C CYS A 46 -3.80 16.74 -21.52
N ILE A 47 -2.83 15.84 -21.73
CA ILE A 47 -1.77 15.54 -20.76
C ILE A 47 -0.59 16.43 -21.10
N PHE A 48 0.02 17.01 -20.05
CA PHE A 48 1.13 17.93 -20.20
C PHE A 48 2.35 17.19 -19.64
N THR A 49 3.21 16.69 -20.52
CA THR A 49 4.37 15.88 -20.14
C THR A 49 5.61 16.62 -20.64
N LEU A 50 6.45 17.09 -19.71
CA LEU A 50 7.46 18.08 -20.04
C LEU A 50 8.83 17.63 -19.54
N ASN A 51 9.83 17.64 -20.41
CA ASN A 51 11.23 17.51 -19.99
C ASN A 51 11.74 18.90 -19.60
N PRO A 52 12.03 19.19 -18.32
CA PRO A 52 12.42 20.55 -17.93
C PRO A 52 13.80 20.94 -18.36
N LYS A 53 14.65 19.97 -18.68
CA LYS A 53 16.00 20.29 -19.16
C LYS A 53 16.00 20.72 -20.63
N THR A 54 15.23 20.06 -21.47
CA THR A 54 15.31 20.33 -22.91
C THR A 54 14.14 21.17 -23.42
N GLY A 55 13.06 21.28 -22.64
CA GLY A 55 11.87 21.96 -23.10
C GLY A 55 10.94 21.12 -23.95
N HIS A 56 11.31 19.87 -24.25
CA HIS A 56 10.46 19.02 -25.07
C HIS A 56 9.15 18.73 -24.35
N LEU A 57 8.04 19.03 -24.99
CA LEU A 57 6.71 18.86 -24.45
C LEU A 57 6.00 17.81 -25.29
N PHE A 58 5.54 16.75 -24.65
CA PHE A 58 4.73 15.71 -25.28
C PHE A 58 3.28 16.00 -24.91
N LEU A 59 2.51 16.62 -25.82
CA LEU A 59 1.15 17.07 -25.53
C LEU A 59 0.21 16.00 -26.08
N LYS A 60 -0.29 15.12 -25.22
CA LYS A 60 -1.22 14.10 -25.67
C LYS A 60 -2.61 14.68 -25.55
N ILE A 61 -3.26 14.87 -26.69
CA ILE A 61 -4.61 15.41 -26.71
C ILE A 61 -5.62 14.31 -26.38
N ILE A 62 -6.51 14.60 -25.43
CA ILE A 62 -7.51 13.67 -24.93
C ILE A 62 -8.84 14.11 -25.54
N HIS A 63 -9.31 13.35 -26.52
CA HIS A 63 -10.54 13.69 -27.21
C HIS A 63 -11.74 13.20 -26.41
N THR A 64 -12.82 13.97 -26.46
CA THR A 64 -13.98 13.70 -25.60
C THR A 64 -14.58 12.30 -25.81
N SER A 65 -14.30 11.66 -26.95
CA SER A 65 -14.82 10.32 -27.19
C SER A 65 -14.27 9.29 -26.20
N VAL A 66 -13.10 9.55 -25.58
N VAL A 66 -13.10 9.56 -25.60
CA VAL A 66 -12.58 8.59 -24.63
CA VAL A 66 -12.55 8.67 -24.58
C VAL A 66 -13.45 8.49 -23.38
C VAL A 66 -13.57 8.45 -23.47
N TRP A 67 -14.33 9.48 -23.12
CA TRP A 67 -15.19 9.42 -21.96
C TRP A 67 -16.56 8.81 -22.24
N ALA A 68 -16.88 8.54 -23.50
CA ALA A 68 -18.23 8.07 -23.85
C ALA A 68 -18.58 6.77 -23.13
N GLY A 69 -19.68 6.79 -22.40
CA GLY A 69 -20.18 5.59 -21.75
C GLY A 69 -19.41 5.18 -20.54
N GLN A 70 -18.48 6.00 -20.08
CA GLN A 70 -17.69 5.68 -18.90
C GLN A 70 -18.25 6.37 -17.68
N LYS A 71 -18.00 5.75 -16.52
CA LYS A 71 -18.40 6.27 -15.21
C LYS A 71 -17.18 6.76 -14.46
N ARG A 72 -17.46 7.56 -13.43
CA ARG A 72 -16.43 8.08 -12.50
C ARG A 72 -15.26 8.69 -13.26
N LEU A 73 -15.59 9.69 -14.11
CA LEU A 73 -14.62 10.19 -15.08
C LEU A 73 -13.41 10.81 -14.40
N SER A 74 -13.57 11.51 -13.27
CA SER A 74 -12.40 12.10 -12.62
C SER A 74 -11.41 11.03 -12.16
N GLN A 75 -11.89 9.87 -11.72
CA GLN A 75 -10.98 8.77 -11.39
C GLN A 75 -10.40 8.15 -12.65
N LEU A 76 -11.24 7.92 -13.65
CA LEU A 76 -10.77 7.35 -14.90
C LEU A 76 -9.67 8.21 -15.51
N ALA A 77 -9.84 9.54 -15.42
CA ALA A 77 -8.87 10.46 -16.02
C ALA A 77 -7.46 10.23 -15.49
N LYS A 78 -7.32 9.91 -14.21
CA LYS A 78 -5.98 9.68 -13.68
C LYS A 78 -5.38 8.40 -14.28
N TRP A 79 -6.20 7.36 -14.42
CA TRP A 79 -5.74 6.08 -14.97
C TRP A 79 -5.43 6.20 -16.45
N LYS A 80 -6.26 6.95 -17.19
CA LYS A 80 -5.99 7.21 -18.61
C LYS A 80 -4.69 7.99 -18.78
N THR A 81 -4.47 8.99 -17.92
CA THR A 81 -3.19 9.70 -17.92
C THR A 81 -2.05 8.72 -17.75
N ALA A 82 -2.14 7.86 -16.72
CA ALA A 82 -1.04 6.94 -16.48
C ALA A 82 -0.86 5.94 -17.62
N GLU A 83 -1.96 5.46 -18.24
CA GLU A 83 -1.88 4.60 -19.42
C GLU A 83 -1.13 5.30 -20.55
N GLU A 84 -1.47 6.56 -20.83
CA GLU A 84 -0.81 7.27 -21.93
C GLU A 84 0.67 7.59 -21.65
N VAL A 85 1.03 7.92 -20.39
CA VAL A 85 2.43 8.19 -20.07
C VAL A 85 3.26 6.91 -20.21
N SER A 86 2.72 5.78 -19.74
N SER A 86 2.72 5.79 -19.70
CA SER A 86 3.42 4.51 -19.91
CA SER A 86 3.35 4.49 -19.89
C SER A 86 3.53 4.12 -21.38
C SER A 86 3.53 4.15 -21.37
N ALA A 87 2.50 4.41 -22.19
CA ALA A 87 2.62 4.16 -23.62
C ALA A 87 3.70 5.03 -24.24
N LEU A 88 3.79 6.28 -23.81
CA LEU A 88 4.84 7.17 -24.32
C LEU A 88 6.22 6.64 -23.95
N VAL A 89 6.40 6.24 -22.68
CA VAL A 89 7.71 5.74 -22.31
C VAL A 89 8.09 4.54 -23.16
N ARG A 90 7.14 3.62 -23.36
CA ARG A 90 7.42 2.39 -24.13
C ARG A 90 7.77 2.72 -25.56
N SER A 91 7.21 3.82 -26.08
CA SER A 91 7.45 4.24 -27.45
C SER A 91 8.84 4.83 -27.64
N LEU A 92 9.49 5.30 -26.56
CA LEU A 92 10.75 5.98 -26.69
C LEU A 92 11.88 4.95 -26.70
N PRO A 93 12.92 5.17 -27.49
CA PRO A 93 14.13 4.33 -27.36
C PRO A 93 14.63 4.31 -25.93
N LYS A 94 15.26 3.19 -25.57
CA LYS A 94 15.74 2.99 -24.21
C LYS A 94 16.59 4.16 -23.71
N GLU A 95 17.53 4.67 -24.53
CA GLU A 95 18.37 5.77 -24.10
C GLU A 95 17.63 7.10 -23.96
N GLU A 96 16.37 7.17 -24.41
CA GLU A 96 15.56 8.38 -24.22
C GLU A 96 14.53 8.23 -23.12
N GLN A 97 14.37 7.04 -22.57
CA GLN A 97 13.38 6.86 -21.52
C GLN A 97 13.79 7.60 -20.24
N PRO A 98 12.84 8.12 -19.48
CA PRO A 98 13.20 8.89 -18.28
C PRO A 98 13.67 7.96 -17.18
N LYS A 99 14.55 8.50 -16.32
N LYS A 99 14.57 8.49 -16.34
CA LYS A 99 14.96 7.85 -15.08
CA LYS A 99 14.93 7.81 -15.09
C LYS A 99 14.09 8.23 -13.88
C LYS A 99 13.91 8.09 -13.99
N GLN A 100 13.27 9.28 -14.02
CA GLN A 100 12.30 9.68 -13.02
C GLN A 100 11.13 10.34 -13.74
N ILE A 101 9.93 10.15 -13.20
CA ILE A 101 8.74 10.89 -13.63
C ILE A 101 8.19 11.58 -12.39
N ILE A 102 8.05 12.89 -12.46
CA ILE A 102 7.54 13.70 -11.34
C ILE A 102 6.10 14.13 -11.65
N VAL A 103 5.13 13.66 -10.84
CA VAL A 103 3.72 14.03 -11.02
C VAL A 103 3.41 15.30 -10.22
N THR A 104 2.68 16.22 -10.83
CA THR A 104 2.37 17.47 -10.15
C THR A 104 1.27 17.32 -9.11
N ARG A 105 0.50 16.22 -9.15
CA ARG A 105 -0.56 15.94 -8.19
C ARG A 105 -0.41 14.55 -7.61
N LYS A 106 -0.49 14.46 -6.27
CA LYS A 106 -0.19 13.21 -5.58
C LYS A 106 -1.17 12.09 -5.93
N ALA A 107 -2.38 12.43 -6.39
CA ALA A 107 -3.34 11.42 -6.78
C ALA A 107 -2.89 10.64 -8.02
N MET A 108 -1.89 11.16 -8.78
CA MET A 108 -1.35 10.39 -9.90
C MET A 108 -0.33 9.35 -9.49
N LEU A 109 0.11 9.30 -8.23
CA LEU A 109 1.19 8.40 -7.89
C LEU A 109 0.83 6.93 -8.09
N ASP A 110 -0.30 6.46 -7.50
CA ASP A 110 -0.62 5.04 -7.58
C ASP A 110 -0.99 4.65 -9.01
N PRO A 111 -1.79 5.44 -9.72
CA PRO A 111 -2.07 5.07 -11.11
C PRO A 111 -0.81 4.94 -11.94
N LEU A 112 0.12 5.88 -11.82
CA LEU A 112 1.33 5.80 -12.63
C LEU A 112 2.22 4.65 -12.17
N GLU A 113 2.40 4.47 -10.86
CA GLU A 113 3.17 3.34 -10.37
C GLU A 113 2.65 2.00 -10.91
N VAL A 114 1.34 1.80 -10.87
CA VAL A 114 0.78 0.54 -11.35
C VAL A 114 1.00 0.37 -12.84
N HIS A 115 0.83 1.44 -13.63
CA HIS A 115 1.04 1.31 -15.07
C HIS A 115 2.50 1.13 -15.46
N MET A 116 3.43 1.48 -14.57
CA MET A 116 4.86 1.42 -14.87
C MET A 116 5.53 0.26 -14.15
N LEU A 117 4.75 -0.76 -13.72
CA LEU A 117 5.36 -1.89 -13.00
C LEU A 117 6.45 -2.56 -13.82
N ASP A 118 6.30 -2.56 -15.15
CA ASP A 118 7.28 -3.10 -16.08
C ASP A 118 8.58 -2.30 -16.10
N PHE A 119 8.63 -1.15 -15.44
CA PHE A 119 9.81 -0.28 -15.39
C PHE A 119 10.19 -0.03 -13.93
N PRO A 120 10.63 -1.07 -13.20
CA PRO A 120 10.97 -0.88 -11.79
C PRO A 120 12.06 0.15 -11.52
N ASN A 121 12.93 0.44 -12.49
CA ASN A 121 14.01 1.39 -12.28
C ASN A 121 13.64 2.83 -12.63
N ILE A 122 12.41 3.11 -13.03
CA ILE A 122 11.96 4.48 -13.23
C ILE A 122 11.26 4.93 -11.95
N ALA A 123 11.81 5.95 -11.30
CA ALA A 123 11.25 6.45 -10.05
C ALA A 123 10.05 7.35 -10.31
N ILE A 124 8.95 7.08 -9.61
CA ILE A 124 7.75 7.93 -9.67
C ILE A 124 7.73 8.77 -8.40
N ARG A 125 7.79 10.10 -8.57
CA ARG A 125 7.99 11.03 -7.48
C ARG A 125 6.88 12.06 -7.44
N PRO A 126 6.44 12.46 -6.25
CA PRO A 126 5.63 13.65 -6.09
C PRO A 126 6.50 14.89 -6.01
N THR A 127 5.83 16.04 -5.90
CA THR A 127 6.55 17.29 -5.68
C THR A 127 5.79 18.15 -4.68
N GLU A 128 6.55 18.91 -3.90
N GLU A 128 6.53 18.92 -3.89
CA GLU A 128 6.01 19.94 -3.02
CA GLU A 128 5.92 19.93 -3.05
C GLU A 128 5.88 21.29 -3.72
C GLU A 128 5.79 21.28 -3.76
N LEU A 129 6.44 21.44 -4.91
CA LEU A 129 6.26 22.66 -5.68
C LEU A 129 4.83 22.75 -6.21
N ARG A 130 4.30 23.97 -6.23
CA ARG A 130 2.96 24.23 -6.75
C ARG A 130 3.14 24.86 -8.13
N LEU A 131 3.32 24.00 -9.11
CA LEU A 131 3.68 24.46 -10.44
C LEU A 131 2.45 24.86 -11.24
N PRO A 132 2.60 25.86 -12.11
CA PRO A 132 1.42 26.45 -12.74
C PRO A 132 1.07 25.82 -14.07
N PHE A 133 1.33 24.52 -14.25
CA PHE A 133 1.16 23.91 -15.56
C PHE A 133 -0.30 23.85 -15.99
N SER A 134 -1.27 23.95 -15.07
CA SER A 134 -2.66 24.06 -15.51
C SER A 134 -2.87 25.20 -16.52
N ALA A 135 -2.06 26.23 -16.46
CA ALA A 135 -2.21 27.37 -17.36
C ALA A 135 -1.70 27.10 -18.77
N ALA A 136 -1.27 25.87 -19.07
CA ALA A 136 -0.83 25.53 -20.42
C ALA A 136 -1.90 25.85 -21.44
N MET A 137 -3.16 25.68 -21.07
CA MET A 137 -4.21 25.98 -22.02
C MET A 137 -4.45 27.47 -22.22
N SER A 138 -3.70 28.34 -21.54
CA SER A 138 -3.67 29.75 -21.88
C SER A 138 -2.64 30.11 -22.94
N ILE A 139 -1.81 29.16 -23.37
CA ILE A 139 -0.93 29.38 -24.52
C ILE A 139 -1.76 29.13 -25.77
N ASP A 140 -1.92 30.16 -26.60
CA ASP A 140 -2.90 30.12 -27.69
C ASP A 140 -2.69 28.92 -28.61
N LYS A 141 -1.44 28.64 -29.02
CA LYS A 141 -1.22 27.54 -29.97
C LYS A 141 -1.52 26.16 -29.36
N LEU A 142 -1.26 25.99 -28.06
CA LEU A 142 -1.61 24.73 -27.42
C LEU A 142 -3.12 24.57 -27.31
N SER A 143 -3.81 25.60 -26.84
CA SER A 143 -5.25 25.54 -26.75
C SER A 143 -5.87 25.28 -28.12
N ASP A 144 -5.29 25.87 -29.17
CA ASP A 144 -5.87 25.73 -30.50
C ASP A 144 -5.79 24.29 -30.98
N VAL A 145 -4.65 23.63 -30.78
CA VAL A 145 -4.52 22.26 -31.28
C VAL A 145 -5.41 21.32 -30.47
N VAL A 146 -5.57 21.57 -29.16
CA VAL A 146 -6.44 20.72 -28.36
C VAL A 146 -7.90 20.86 -28.81
N MET A 147 -8.34 22.10 -28.98
N MET A 147 -8.36 22.10 -28.98
N MET A 147 -8.37 22.10 -28.98
CA MET A 147 -9.74 22.39 -29.29
CA MET A 147 -9.78 22.30 -29.28
CA MET A 147 -9.79 22.29 -29.30
C MET A 147 -10.13 21.92 -30.68
C MET A 147 -10.14 21.85 -30.69
C MET A 147 -10.14 21.80 -30.70
N LYS A 148 -9.20 21.88 -31.63
CA LYS A 148 -9.47 21.44 -33.00
C LYS A 148 -9.41 19.93 -33.20
N ALA A 149 -8.87 19.19 -32.25
CA ALA A 149 -8.65 17.76 -32.47
C ALA A 149 -9.98 17.05 -32.61
N THR A 150 -10.04 16.16 -33.62
CA THR A 150 -11.20 15.33 -33.89
C THR A 150 -10.98 13.88 -33.48
N GLU A 151 -9.79 13.56 -32.97
CA GLU A 151 -9.42 12.21 -32.59
C GLU A 151 -8.24 12.31 -31.65
N PRO A 152 -7.93 11.25 -30.93
CA PRO A 152 -6.71 11.28 -30.10
C PRO A 152 -5.46 11.55 -30.93
N GLN A 153 -4.56 12.36 -30.38
CA GLN A 153 -3.42 12.79 -31.15
C GLN A 153 -2.36 13.18 -30.14
N MET A 154 -1.10 12.95 -30.50
CA MET A 154 0.07 13.46 -29.77
C MET A 154 0.73 14.54 -30.62
N VAL A 155 1.02 15.69 -30.01
CA VAL A 155 1.73 16.78 -30.71
C VAL A 155 2.95 17.16 -29.89
N LEU A 156 4.10 17.34 -30.55
CA LEU A 156 5.37 17.61 -29.90
C LEU A 156 5.72 19.08 -30.07
N PHE A 157 6.10 19.73 -28.96
CA PHE A 157 6.49 21.12 -29.00
C PHE A 157 7.79 21.26 -28.21
N ASN A 158 8.49 22.37 -28.44
CA ASN A 158 9.50 22.81 -27.47
C ASN A 158 8.94 24.05 -26.77
N ILE A 159 8.63 23.91 -25.47
CA ILE A 159 7.99 24.99 -24.73
C ILE A 159 8.92 26.17 -24.45
N TYR A 160 10.21 26.03 -24.72
CA TYR A 160 11.21 27.08 -24.54
C TYR A 160 11.51 27.82 -25.82
N ASP A 161 10.80 27.52 -26.91
CA ASP A 161 11.18 28.09 -28.23
C ASP A 161 12.68 27.89 -28.42
N ASP A 162 13.45 28.93 -28.77
CA ASP A 162 14.89 28.86 -28.96
C ASP A 162 15.66 29.45 -27.80
N TRP A 163 15.03 29.57 -26.62
CA TRP A 163 15.68 30.27 -25.51
C TRP A 163 16.99 29.61 -25.10
N LEU A 164 17.08 28.29 -25.22
CA LEU A 164 18.27 27.59 -24.74
C LEU A 164 19.52 27.94 -25.54
N ASP A 165 19.37 28.54 -26.72
CA ASP A 165 20.54 29.07 -27.42
C ASP A 165 21.20 30.20 -26.65
N ARG A 166 20.46 30.90 -25.79
CA ARG A 166 20.98 32.08 -25.10
C ARG A 166 21.02 31.95 -23.58
N ILE A 167 20.17 31.09 -22.97
CA ILE A 167 20.06 30.95 -21.53
C ILE A 167 20.14 29.48 -21.13
N SER A 168 20.37 29.25 -19.84
CA SER A 168 20.44 27.88 -19.34
C SER A 168 19.04 27.34 -19.09
N SER A 169 18.98 26.01 -18.90
N SER A 169 18.96 26.03 -18.86
CA SER A 169 17.71 25.36 -18.59
CA SER A 169 17.66 25.40 -18.61
C SER A 169 17.09 25.93 -17.31
C SER A 169 17.07 25.81 -17.26
N TYR A 170 17.90 26.11 -16.26
CA TYR A 170 17.37 26.68 -15.04
C TYR A 170 16.66 28.00 -15.29
N THR A 171 17.32 28.91 -16.03
CA THR A 171 16.70 30.21 -16.34
C THR A 171 15.49 30.05 -17.24
N ALA A 172 15.54 29.14 -18.20
CA ALA A 172 14.38 28.90 -19.08
C ALA A 172 13.16 28.40 -18.30
N PHE A 173 13.37 27.46 -17.37
CA PHE A 173 12.26 26.96 -16.55
C PHE A 173 11.70 28.07 -15.67
N SER A 174 12.58 28.88 -15.07
CA SER A 174 12.13 30.02 -14.26
C SER A 174 11.30 31.01 -15.08
N ARG A 175 11.69 31.27 -16.32
CA ARG A 175 10.87 32.12 -17.19
C ARG A 175 9.54 31.46 -17.48
N LEU A 176 9.55 30.17 -17.81
CA LEU A 176 8.32 29.48 -18.16
C LEU A 176 7.36 29.49 -16.98
N THR A 177 7.87 29.17 -15.77
CA THR A 177 7.00 29.11 -14.60
C THR A 177 6.48 30.50 -14.26
N LEU A 178 7.27 31.55 -14.49
CA LEU A 178 6.79 32.91 -14.26
C LEU A 178 5.69 33.27 -15.25
N LEU A 179 5.91 32.97 -16.53
CA LEU A 179 4.88 33.27 -17.52
C LEU A 179 3.58 32.52 -17.20
N LEU A 180 3.69 31.24 -16.84
CA LEU A 180 2.50 30.44 -16.58
C LEU A 180 1.79 30.86 -15.30
N ARG A 181 2.54 31.18 -14.25
CA ARG A 181 1.94 31.71 -13.03
C ARG A 181 1.16 32.99 -13.31
N ALA A 182 1.71 33.88 -14.15
CA ALA A 182 1.01 35.11 -14.51
C ALA A 182 -0.26 34.80 -15.29
N LEU A 183 -0.17 33.96 -16.31
CA LEU A 183 -1.35 33.59 -17.07
C LEU A 183 -2.40 32.96 -16.18
N LYS A 184 -1.97 32.21 -15.17
CA LYS A 184 -2.91 31.58 -14.26
C LYS A 184 -3.59 32.59 -13.34
N THR A 185 -2.86 33.63 -12.91
N THR A 185 -2.86 33.64 -12.95
CA THR A 185 -3.42 34.57 -11.96
CA THR A 185 -3.38 34.57 -11.96
C THR A 185 -4.29 35.63 -12.64
C THR A 185 -4.26 35.64 -12.61
N ASN A 186 -3.88 36.11 -13.80
CA ASN A 186 -4.69 37.08 -14.55
C ASN A 186 -4.39 36.90 -16.03
N GLU A 187 -5.15 36.00 -16.66
CA GLU A 187 -4.88 35.67 -18.05
C GLU A 187 -4.98 36.89 -18.96
N GLU A 188 -6.01 37.72 -18.76
CA GLU A 188 -6.18 38.88 -19.65
C GLU A 188 -4.97 39.79 -19.58
N SER A 189 -4.58 40.21 -18.37
CA SER A 189 -3.45 41.12 -18.22
C SER A 189 -2.18 40.48 -18.74
N ALA A 190 -1.92 39.22 -18.39
CA ALA A 190 -0.72 38.55 -18.86
C ALA A 190 -0.62 38.57 -20.37
N LYS A 191 -1.72 38.24 -21.05
CA LYS A 191 -1.69 38.22 -22.51
C LYS A 191 -1.55 39.63 -23.07
N MET A 192 -2.15 40.63 -22.42
CA MET A 192 -1.93 42.01 -22.83
CA MET A 192 -1.92 42.03 -22.80
C MET A 192 -0.44 42.36 -22.76
N ILE A 193 0.23 41.97 -21.66
CA ILE A 193 1.65 42.23 -21.55
C ILE A 193 2.41 41.59 -22.70
N LEU A 194 2.07 40.34 -23.04
CA LEU A 194 2.88 39.59 -23.99
C LEU A 194 2.73 40.10 -25.42
N LEU A 195 1.60 40.73 -25.75
CA LEU A 195 1.30 41.11 -27.12
C LEU A 195 0.99 42.59 -27.32
N SER A 196 1.11 43.43 -26.27
CA SER A 196 0.70 44.83 -26.41
C SER A 196 1.40 45.50 -27.60
N ASP A 197 2.65 45.16 -27.86
CA ASP A 197 3.48 45.87 -28.83
C ASP A 197 3.43 45.14 -30.17
N PRO A 198 2.80 45.70 -31.21
CA PRO A 198 2.60 44.93 -32.45
C PRO A 198 3.88 44.57 -33.21
N THR A 199 5.03 45.16 -32.87
CA THR A 199 6.25 44.92 -33.65
C THR A 199 6.99 43.66 -33.24
N ILE A 200 6.63 43.03 -32.12
CA ILE A 200 7.26 41.79 -31.66
C ILE A 200 6.28 40.66 -31.95
N THR A 201 6.67 39.74 -32.82
CA THR A 201 5.77 38.72 -33.29
C THR A 201 6.18 37.36 -32.74
N ILE A 202 5.27 36.40 -32.90
CA ILE A 202 5.53 34.99 -32.59
C ILE A 202 5.85 34.30 -33.89
N LYS A 203 7.02 33.67 -33.94
CA LYS A 203 7.37 32.94 -35.15
C LYS A 203 6.40 31.78 -35.35
N SER A 204 6.21 31.40 -36.62
CA SER A 204 5.29 30.30 -36.94
C SER A 204 5.64 29.04 -36.15
N TYR A 205 6.94 28.81 -35.91
CA TYR A 205 7.42 27.59 -35.28
C TYR A 205 7.65 27.77 -33.78
N HIS A 206 7.14 28.87 -33.21
CA HIS A 206 7.30 29.20 -31.80
C HIS A 206 5.97 29.36 -31.08
N LEU A 207 6.03 29.32 -29.76
CA LEU A 207 4.84 29.54 -28.94
C LEU A 207 4.76 30.95 -28.34
N TRP A 208 5.90 31.60 -28.09
CA TRP A 208 6.00 32.87 -27.39
C TRP A 208 6.62 33.89 -28.35
N PRO A 209 6.51 35.18 -28.04
CA PRO A 209 7.08 36.21 -28.91
C PRO A 209 8.59 36.23 -28.92
N SER A 210 9.13 36.84 -29.98
CA SER A 210 10.57 36.88 -30.26
C SER A 210 11.21 38.08 -29.59
N PHE A 211 11.26 38.04 -28.26
CA PHE A 211 11.81 39.14 -27.48
C PHE A 211 13.32 39.09 -27.49
N THR A 212 13.94 40.28 -27.59
CA THR A 212 15.35 40.39 -27.30
C THR A 212 15.60 40.12 -25.82
N ASP A 213 16.88 39.90 -25.49
CA ASP A 213 17.26 39.72 -24.10
C ASP A 213 16.77 40.87 -23.22
N GLU A 214 16.89 42.11 -23.71
CA GLU A 214 16.47 43.25 -22.91
C GLU A 214 14.96 43.31 -22.79
N GLN A 215 14.25 42.98 -23.85
CA GLN A 215 12.80 42.97 -23.79
C GLN A 215 12.29 41.88 -22.86
N TRP A 216 12.99 40.75 -22.76
CA TRP A 216 12.58 39.71 -21.80
C TRP A 216 12.69 40.23 -20.37
N ILE A 217 13.67 41.09 -20.10
CA ILE A 217 13.79 41.64 -18.75
C ILE A 217 12.59 42.52 -18.42
N THR A 218 12.22 43.40 -19.35
CA THR A 218 11.02 44.20 -19.15
C THR A 218 9.80 43.31 -18.97
N ILE A 219 9.62 42.34 -19.89
CA ILE A 219 8.48 41.42 -19.80
C ILE A 219 8.42 40.74 -18.45
N GLU A 220 9.54 40.12 -18.04
CA GLU A 220 9.57 39.40 -16.78
C GLU A 220 9.23 40.30 -15.61
N SER A 221 9.69 41.56 -15.65
N SER A 221 9.71 41.55 -15.64
CA SER A 221 9.35 42.50 -14.60
CA SER A 221 9.35 42.51 -14.60
C SER A 221 7.86 42.82 -14.61
C SER A 221 7.84 42.77 -14.61
N GLN A 222 7.27 42.97 -15.80
CA GLN A 222 5.84 43.24 -15.89
C GLN A 222 5.02 42.06 -15.37
N MET A 223 5.53 40.83 -15.52
CA MET A 223 4.82 39.66 -15.03
C MET A 223 4.89 39.58 -13.50
N ARG A 224 6.06 39.84 -12.93
N ARG A 224 6.06 39.87 -12.93
CA ARG A 224 6.19 39.91 -11.48
CA ARG A 224 6.19 39.89 -11.47
C ARG A 224 5.26 40.97 -10.90
C ARG A 224 5.32 40.99 -10.86
N ASP A 225 5.27 42.18 -11.46
CA ASP A 225 4.34 43.21 -11.02
CA ASP A 225 4.33 43.20 -11.00
C ASP A 225 2.90 42.67 -11.03
N LEU A 226 2.48 42.10 -12.16
CA LEU A 226 1.12 41.56 -12.27
C LEU A 226 0.84 40.58 -11.15
N ILE A 227 1.77 39.66 -10.88
CA ILE A 227 1.53 38.63 -9.87
C ILE A 227 1.40 39.26 -8.49
N LEU A 228 2.25 40.24 -8.21
CA LEU A 228 2.16 40.97 -6.95
C LEU A 228 0.89 41.82 -6.92
N THR A 229 0.63 42.58 -7.98
CA THR A 229 -0.63 43.30 -8.14
C THR A 229 -1.81 42.42 -7.77
N GLU A 230 -2.04 41.33 -8.52
CA GLU A 230 -3.16 40.45 -8.23
C GLU A 230 -3.15 39.95 -6.80
N TYR A 231 -1.96 39.69 -6.26
CA TYR A 231 -1.86 39.20 -4.88
C TYR A 231 -2.37 40.24 -3.90
N GLY A 232 -2.29 41.53 -4.25
CA GLY A 232 -2.87 42.59 -3.45
C GLY A 232 -4.37 42.74 -3.67
N ARG A 233 -4.78 42.95 -4.92
CA ARG A 233 -6.18 42.96 -5.29
C ARG A 233 -6.93 41.82 -4.61
N LYS A 234 -6.28 40.67 -4.48
CA LYS A 234 -6.90 39.53 -3.81
C LYS A 234 -7.02 39.77 -2.31
N TYR A 235 -5.88 39.86 -1.62
CA TYR A 235 -5.84 39.96 -0.17
C TYR A 235 -6.09 41.38 0.35
N ASN A 236 -6.22 42.37 -0.53
CA ASN A 236 -6.39 43.77 -0.13
C ASN A 236 -5.18 44.25 0.69
N VAL A 237 -4.02 44.27 0.04
CA VAL A 237 -2.76 44.65 0.68
C VAL A 237 -2.04 45.75 -0.10
N MET B 5 -7.33 -36.56 26.06
CA MET B 5 -6.60 -35.41 26.68
C MET B 5 -5.09 -35.69 26.86
N ASN B 6 -4.25 -34.88 26.23
CA ASN B 6 -2.81 -35.11 26.25
C ASN B 6 -2.09 -34.19 27.23
N THR B 7 -0.81 -34.48 27.41
CA THR B 7 0.03 -33.85 28.43
C THR B 7 1.34 -33.41 27.81
N VAL B 8 1.78 -32.21 28.19
CA VAL B 8 3.14 -31.74 27.88
C VAL B 8 3.87 -31.57 29.20
N PRO B 9 4.68 -32.56 29.60
CA PRO B 9 5.44 -32.45 30.84
C PRO B 9 6.66 -31.54 30.70
N PHE B 10 7.10 -31.02 31.83
CA PHE B 10 8.30 -30.19 31.94
C PHE B 10 9.30 -30.93 32.80
N THR B 11 10.56 -30.95 32.38
CA THR B 11 11.58 -31.56 33.22
C THR B 11 11.68 -30.82 34.53
N SER B 12 11.62 -29.49 34.49
CA SER B 12 11.71 -28.61 35.63
C SER B 12 11.47 -27.19 35.15
N ALA B 13 11.40 -26.25 36.10
CA ALA B 13 11.29 -24.82 35.81
C ALA B 13 12.38 -24.04 36.54
N PRO B 14 13.59 -23.99 35.97
CA PRO B 14 14.72 -23.37 36.70
C PRO B 14 14.72 -21.85 36.71
N ILE B 15 13.99 -21.20 35.80
CA ILE B 15 13.92 -19.76 35.81
C ILE B 15 12.46 -19.30 35.86
N GLU B 16 12.26 -18.20 36.54
CA GLU B 16 10.93 -17.61 36.69
C GLU B 16 10.41 -17.18 35.33
N VAL B 17 9.18 -17.57 35.03
CA VAL B 17 8.67 -17.39 33.66
C VAL B 17 7.17 -17.36 33.74
N THR B 18 6.56 -16.52 32.88
CA THR B 18 5.14 -16.62 32.57
C THR B 18 4.93 -17.57 31.40
N ILE B 19 4.14 -18.62 31.62
CA ILE B 19 3.90 -19.65 30.62
C ILE B 19 2.49 -19.48 30.08
N GLY B 20 2.38 -19.46 28.76
CA GLY B 20 1.08 -19.48 28.10
C GLY B 20 0.78 -20.83 27.49
N ILE B 21 -0.49 -21.21 27.51
CA ILE B 21 -0.95 -22.34 26.75
C ILE B 21 -2.22 -21.87 26.07
N ASP B 22 -2.18 -21.77 24.75
CA ASP B 22 -3.26 -21.15 23.98
C ASP B 22 -3.56 -19.80 24.63
N GLN B 23 -4.83 -19.47 24.90
CA GLN B 23 -5.23 -18.16 25.41
C GLN B 23 -5.08 -18.04 26.92
N TYR B 24 -4.53 -19.05 27.60
CA TYR B 24 -4.36 -19.07 29.04
C TYR B 24 -2.90 -18.82 29.39
N SER B 25 -2.66 -18.31 30.61
CA SER B 25 -1.31 -17.99 31.13
C SER B 25 -1.24 -18.14 32.65
N PHE B 26 -0.07 -18.52 33.17
CA PHE B 26 0.17 -18.71 34.62
C PHE B 26 1.63 -18.34 34.91
N ASN B 27 1.93 -18.03 36.17
CA ASN B 27 3.29 -17.62 36.60
C ASN B 27 3.93 -18.82 37.33
N VAL B 28 5.18 -19.17 37.00
CA VAL B 28 5.93 -20.22 37.74
C VAL B 28 7.14 -19.51 38.35
N LYS B 29 7.38 -19.67 39.65
CA LYS B 29 8.50 -19.01 40.37
C LYS B 29 9.79 -19.78 40.07
N GLU B 30 10.93 -19.13 40.16
CA GLU B 30 12.24 -19.74 39.97
C GLU B 30 12.37 -21.00 40.83
N ASN B 31 12.72 -22.16 40.22
CA ASN B 31 12.87 -23.48 40.89
C ASN B 31 11.60 -23.87 41.65
N GLN B 32 10.41 -23.46 41.20
CA GLN B 32 9.14 -23.87 41.85
C GLN B 32 8.81 -25.26 41.32
N PRO B 33 8.60 -26.29 42.16
CA PRO B 33 8.22 -27.62 41.71
C PRO B 33 7.06 -27.50 40.70
N PHE B 34 7.38 -27.54 39.40
CA PHE B 34 6.38 -27.47 38.31
C PHE B 34 6.66 -28.61 37.33
N HIS B 35 5.65 -29.37 36.94
CA HIS B 35 5.90 -30.53 36.05
C HIS B 35 5.05 -30.57 34.78
N GLY B 36 4.47 -29.46 34.33
CA GLY B 36 3.82 -29.39 33.03
C GLY B 36 2.33 -29.16 33.03
N ILE B 37 1.73 -29.41 31.88
CA ILE B 37 0.35 -29.09 31.57
C ILE B 37 -0.36 -30.37 31.11
N LYS B 38 -1.48 -30.69 31.75
CA LYS B 38 -2.27 -31.88 31.45
C LYS B 38 -3.64 -31.47 30.91
N ASP B 39 -4.42 -32.48 30.50
CA ASP B 39 -5.81 -32.31 30.03
C ASP B 39 -5.90 -31.41 28.78
N ILE B 40 -4.88 -31.47 27.93
CA ILE B 40 -4.87 -30.67 26.71
C ILE B 40 -5.80 -31.27 25.67
N PRO B 41 -6.78 -30.51 25.18
CA PRO B 41 -7.76 -31.10 24.25
C PRO B 41 -7.13 -31.60 22.97
N ILE B 42 -7.54 -32.78 22.61
CA ILE B 42 -7.12 -33.40 21.37
C ILE B 42 -8.03 -32.89 20.26
N GLY B 43 -7.45 -32.67 19.09
CA GLY B 43 -8.18 -32.28 17.91
C GLY B 43 -7.84 -30.92 17.40
N HIS B 44 -7.00 -30.17 18.12
CA HIS B 44 -6.65 -28.83 17.73
C HIS B 44 -5.13 -28.71 17.74
N VAL B 45 -4.62 -27.73 17.03
N VAL B 45 -4.61 -27.79 16.95
CA VAL B 45 -3.23 -27.30 17.22
CA VAL B 45 -3.24 -27.34 17.25
C VAL B 45 -3.16 -26.39 18.43
C VAL B 45 -3.23 -26.59 18.59
N HIS B 46 -2.05 -26.46 19.17
CA HIS B 46 -1.89 -25.69 20.40
C HIS B 46 -0.58 -24.94 20.32
N VAL B 47 -0.45 -23.94 21.18
CA VAL B 47 0.79 -23.17 21.28
C VAL B 47 1.15 -23.05 22.74
N ILE B 48 2.41 -23.34 23.08
N ILE B 48 2.37 -23.45 23.10
CA ILE B 48 2.90 -23.17 24.43
CA ILE B 48 2.90 -23.18 24.44
C ILE B 48 4.02 -22.13 24.37
C ILE B 48 3.90 -22.06 24.25
N HIS B 49 3.88 -21.10 25.18
CA HIS B 49 4.68 -19.88 25.00
C HIS B 49 5.18 -19.35 26.32
N PHE B 50 6.20 -18.49 26.21
CA PHE B 50 7.05 -18.16 27.34
C PHE B 50 7.44 -16.70 27.31
N GLN B 51 7.42 -16.09 28.48
CA GLN B 51 8.07 -14.79 28.66
C GLN B 51 8.80 -14.79 29.97
N HIS B 52 10.12 -14.64 29.92
CA HIS B 52 10.90 -14.74 31.14
C HIS B 52 10.68 -13.50 32.01
N ALA B 53 10.76 -13.70 33.32
CA ALA B 53 10.46 -12.63 34.25
C ALA B 53 11.55 -11.57 34.23
N ASP B 54 12.79 -11.95 33.92
CA ASP B 54 13.91 -11.01 33.99
C ASP B 54 14.20 -10.34 32.66
N ASN B 55 13.65 -10.83 31.56
CA ASN B 55 13.83 -10.20 30.25
C ASN B 55 12.54 -10.45 29.47
N SER B 56 11.60 -9.51 29.57
CA SER B 56 10.39 -9.56 28.77
C SER B 56 10.69 -9.40 27.28
N SER B 57 11.93 -9.07 26.92
CA SER B 57 12.33 -9.12 25.51
C SER B 57 12.29 -10.58 25.05
N MET B 58 11.72 -10.79 23.86
N MET B 58 11.68 -10.77 23.88
CA MET B 58 11.56 -12.14 23.33
CA MET B 58 11.52 -12.07 23.26
C MET B 58 10.46 -12.89 24.08
C MET B 58 10.48 -12.94 23.97
N ARG B 59 9.22 -12.76 23.62
CA ARG B 59 8.26 -13.83 23.83
C ARG B 59 8.61 -14.89 22.79
N TYR B 60 8.52 -16.17 23.15
CA TYR B 60 8.80 -17.23 22.18
C TYR B 60 7.92 -18.42 22.56
N GLY B 61 7.76 -19.35 21.63
CA GLY B 61 6.94 -20.52 21.94
C GLY B 61 6.89 -21.52 20.79
N TYR B 62 6.04 -22.53 20.98
CA TYR B 62 6.05 -23.70 20.11
C TYR B 62 4.62 -24.06 19.74
N TRP B 63 4.37 -24.20 18.43
CA TRP B 63 3.13 -24.75 17.91
C TRP B 63 3.30 -26.27 17.76
N PHE B 64 2.28 -27.02 18.24
CA PHE B 64 2.34 -28.47 18.25
C PHE B 64 0.93 -29.05 18.21
N ASP B 65 0.89 -30.35 17.94
CA ASP B 65 -0.34 -31.13 17.88
C ASP B 65 0.01 -32.46 18.51
N CYS B 66 -0.62 -32.75 19.65
CA CYS B 66 -0.29 -33.92 20.46
C CYS B 66 -0.56 -35.24 19.73
N ARG B 67 -1.35 -35.22 18.66
CA ARG B 67 -1.54 -36.43 17.87
C ARG B 67 -0.30 -36.82 17.08
N MET B 68 0.67 -35.93 16.95
N MET B 68 0.66 -35.92 16.94
CA MET B 68 1.83 -36.17 16.10
CA MET B 68 1.84 -36.14 16.11
C MET B 68 3.06 -36.65 16.87
C MET B 68 3.05 -36.65 16.87
N GLY B 69 2.96 -36.82 18.18
CA GLY B 69 4.09 -37.29 18.95
C GLY B 69 3.94 -36.88 20.39
N ASN B 70 4.87 -37.40 21.21
CA ASN B 70 4.92 -37.08 22.64
C ASN B 70 5.94 -35.97 22.85
N PHE B 71 5.47 -34.80 23.29
CA PHE B 71 6.33 -33.61 23.39
C PHE B 71 6.49 -33.19 24.84
N TYR B 72 7.68 -32.66 25.19
CA TYR B 72 7.93 -32.15 26.52
C TYR B 72 8.79 -30.89 26.42
N ILE B 73 8.90 -30.19 27.55
CA ILE B 73 9.70 -28.96 27.67
C ILE B 73 10.84 -29.19 28.64
N GLN B 74 12.03 -28.68 28.28
CA GLN B 74 13.18 -28.78 29.15
C GLN B 74 13.96 -27.49 28.97
N TYR B 75 14.34 -26.88 30.08
CA TYR B 75 15.12 -25.65 30.02
C TYR B 75 16.56 -25.98 29.64
N ASP B 76 17.12 -25.20 28.73
CA ASP B 76 18.53 -25.29 28.36
C ASP B 76 19.31 -24.11 28.96
N PRO B 77 20.20 -24.34 29.92
CA PRO B 77 20.94 -23.22 30.52
C PRO B 77 22.00 -22.60 29.61
N LYS B 78 22.35 -23.26 28.51
CA LYS B 78 23.35 -22.66 27.62
C LYS B 78 22.71 -21.67 26.68
N ASP B 79 21.62 -22.09 25.99
CA ASP B 79 20.87 -21.19 25.12
C ASP B 79 19.85 -20.33 25.87
N GLY B 80 19.59 -20.61 27.15
CA GLY B 80 18.80 -19.72 27.96
C GLY B 80 17.32 -19.72 27.61
N LEU B 81 16.78 -20.86 27.21
CA LEU B 81 15.34 -20.87 26.96
C LEU B 81 14.74 -22.24 27.22
N TYR B 82 13.43 -22.23 27.42
CA TYR B 82 12.67 -23.47 27.50
C TYR B 82 12.52 -24.05 26.10
N LYS B 83 12.99 -25.27 25.89
CA LYS B 83 12.93 -25.92 24.58
C LYS B 83 11.90 -27.05 24.54
N MET B 84 11.19 -27.14 23.44
CA MET B 84 10.36 -28.32 23.19
C MET B 84 11.21 -29.41 22.58
N MET B 85 10.96 -30.64 23.02
CA MET B 85 11.61 -31.83 22.50
C MET B 85 10.56 -32.93 22.36
N GLU B 86 10.86 -33.90 21.48
CA GLU B 86 10.03 -35.09 21.29
C GLU B 86 10.69 -36.27 22.01
N GLU B 87 9.90 -37.03 22.77
CA GLU B 87 10.34 -38.27 23.38
C GLU B 87 9.82 -39.42 22.50
N ARG B 88 10.76 -40.21 21.97
CA ARG B 88 10.39 -41.32 21.10
C ARG B 88 10.03 -42.59 21.88
N ASP B 89 10.57 -42.76 23.09
CA ASP B 89 10.25 -43.91 23.93
C ASP B 89 8.89 -43.69 24.59
N GLY B 90 7.85 -44.26 23.98
CA GLY B 90 6.50 -44.04 24.46
C GLY B 90 6.25 -44.53 25.88
N ALA B 91 6.95 -45.60 26.29
CA ALA B 91 6.73 -46.17 27.62
C ALA B 91 7.44 -45.35 28.69
N LYS B 92 8.64 -44.87 28.38
CA LYS B 92 9.30 -43.91 29.24
C LYS B 92 8.40 -42.71 29.47
N PHE B 93 7.86 -42.15 28.38
CA PHE B 93 7.05 -40.94 28.48
C PHE B 93 5.80 -41.17 29.32
N GLU B 94 5.04 -42.23 29.02
CA GLU B 94 3.83 -42.49 29.80
C GLU B 94 4.16 -42.67 31.28
N ASN B 95 5.30 -43.31 31.58
CA ASN B 95 5.70 -43.52 32.96
C ASN B 95 6.04 -42.21 33.65
N ILE B 96 6.73 -41.32 32.94
CA ILE B 96 7.04 -39.99 33.47
C ILE B 96 5.75 -39.24 33.77
N VAL B 97 4.85 -39.18 32.80
CA VAL B 97 3.64 -38.39 32.98
C VAL B 97 2.82 -38.93 34.15
N HIS B 98 2.58 -40.24 34.17
CA HIS B 98 1.79 -40.82 35.26
C HIS B 98 2.35 -40.48 36.65
N ASN B 99 3.68 -40.51 36.82
CA ASN B 99 4.29 -40.13 38.10
C ASN B 99 4.04 -38.65 38.43
N PHE B 100 4.17 -37.76 37.44
CA PHE B 100 3.93 -36.33 37.69
C PHE B 100 2.47 -36.07 38.01
N LYS B 101 1.55 -36.80 37.37
CA LYS B 101 0.14 -36.64 37.66
C LYS B 101 -0.19 -37.17 39.05
N GLU B 102 0.45 -38.24 39.47
CA GLU B 102 0.18 -38.83 40.80
C GLU B 102 0.61 -37.83 41.89
N ARG B 103 1.66 -37.05 41.66
CA ARG B 103 2.20 -36.08 42.64
C ARG B 103 1.51 -34.70 42.49
N GLN B 104 0.62 -34.57 41.51
CA GLN B 104 -0.26 -33.39 41.26
C GLN B 104 0.60 -32.13 41.14
N MET B 105 1.61 -32.18 40.28
CA MET B 105 2.55 -31.06 40.08
C MET B 105 2.31 -30.39 38.72
N MET B 106 1.17 -30.64 38.09
CA MET B 106 0.85 -30.06 36.76
C MET B 106 -0.36 -29.13 36.82
N VAL B 107 -0.41 -28.14 35.93
CA VAL B 107 -1.57 -27.24 35.78
C VAL B 107 -2.50 -27.92 34.76
N SER B 108 -3.81 -27.86 34.97
CA SER B 108 -4.81 -28.48 34.07
C SER B 108 -5.21 -27.46 33.00
N TYR B 109 -5.18 -27.81 31.71
CA TYR B 109 -5.68 -26.91 30.69
C TYR B 109 -7.09 -26.49 31.08
N PRO B 110 -7.33 -25.21 31.29
CA PRO B 110 -8.51 -24.84 32.08
C PRO B 110 -9.66 -24.46 31.20
N LYS B 111 -10.19 -25.42 30.43
CA LYS B 111 -11.22 -25.12 29.45
C LYS B 111 -12.61 -25.25 30.08
N ILE B 112 -13.40 -24.18 29.93
CA ILE B 112 -14.82 -24.16 30.28
C ILE B 112 -15.62 -24.88 29.21
N ASP B 113 -16.58 -25.69 29.63
CA ASP B 113 -17.30 -26.55 28.69
C ASP B 113 -18.01 -25.75 27.61
N GLU B 114 -18.68 -24.66 27.99
CA GLU B 114 -19.41 -23.81 27.05
C GLU B 114 -18.51 -23.17 25.99
N ASP B 115 -17.20 -23.19 26.18
CA ASP B 115 -16.31 -22.25 25.53
C ASP B 115 -15.67 -22.83 24.28
N ASP B 116 -15.97 -22.22 23.13
CA ASP B 116 -15.42 -22.64 21.85
C ASP B 116 -14.34 -21.68 21.37
N THR B 117 -13.81 -20.80 22.23
CA THR B 117 -12.89 -19.78 21.76
C THR B 117 -11.73 -20.37 20.97
N TRP B 118 -11.07 -21.40 21.53
CA TRP B 118 -9.86 -21.87 20.87
C TRP B 118 -10.19 -22.51 19.53
N TYR B 119 -11.23 -23.34 19.48
CA TYR B 119 -11.68 -23.87 18.20
C TYR B 119 -11.91 -22.75 17.20
N ASN B 120 -12.57 -21.68 17.64
CA ASN B 120 -12.96 -20.61 16.72
C ASN B 120 -11.73 -19.86 16.22
N LEU B 121 -10.68 -19.78 17.01
CA LEU B 121 -9.47 -19.09 16.56
C LEU B 121 -8.57 -19.97 15.70
N THR B 122 -8.71 -21.29 15.75
CA THR B 122 -7.85 -22.23 15.05
C THR B 122 -8.59 -23.13 14.06
N GLU B 123 -9.85 -22.81 13.75
CA GLU B 123 -10.70 -23.66 12.92
C GLU B 123 -9.99 -24.21 11.67
N PHE B 124 -9.24 -23.36 10.95
CA PHE B 124 -8.61 -23.75 9.70
C PHE B 124 -7.12 -23.94 9.81
N VAL B 125 -6.56 -23.88 11.01
CA VAL B 125 -5.11 -23.96 11.22
C VAL B 125 -4.74 -25.44 11.32
N GLN B 126 -3.78 -25.87 10.51
N GLN B 126 -3.79 -25.86 10.49
CA GLN B 126 -3.33 -27.25 10.49
CA GLN B 126 -3.30 -27.23 10.46
C GLN B 126 -1.82 -27.30 10.66
C GLN B 126 -1.80 -27.25 10.73
N MET B 127 -1.34 -28.24 11.49
CA MET B 127 0.09 -28.35 11.75
C MET B 127 0.89 -28.47 10.46
N ASP B 128 0.38 -29.22 9.48
CA ASP B 128 1.16 -29.40 8.27
C ASP B 128 1.39 -28.08 7.57
N LYS B 129 0.41 -27.16 7.61
CA LYS B 129 0.61 -25.87 6.98
C LYS B 129 1.53 -24.99 7.82
N ILE B 130 1.41 -25.04 9.16
CA ILE B 130 2.37 -24.31 10.00
C ILE B 130 3.80 -24.69 9.64
N ARG B 131 4.06 -25.99 9.43
CA ARG B 131 5.43 -26.44 9.24
C ARG B 131 5.98 -26.01 7.88
N LYS B 132 5.12 -25.60 6.94
CA LYS B 132 5.60 -25.00 5.70
C LYS B 132 5.85 -23.50 5.84
N ILE B 133 5.10 -22.81 6.71
CA ILE B 133 5.45 -21.43 7.03
C ILE B 133 6.71 -21.35 7.88
N VAL B 134 6.87 -22.25 8.85
CA VAL B 134 8.01 -22.27 9.76
C VAL B 134 8.82 -23.52 9.43
N ARG B 135 9.94 -23.36 8.73
CA ARG B 135 10.66 -24.49 8.13
C ARG B 135 11.74 -24.97 9.08
N LYS B 136 11.54 -26.16 9.66
CA LYS B 136 12.54 -26.86 10.46
C LYS B 136 12.17 -28.34 10.49
N ASP B 137 12.43 -29.02 9.38
CA ASP B 137 11.75 -30.28 9.07
C ASP B 137 12.11 -31.40 10.04
N GLU B 138 13.20 -31.28 10.79
CA GLU B 138 13.57 -32.36 11.70
C GLU B 138 12.70 -32.41 12.95
N ASN B 139 11.92 -31.36 13.23
CA ASN B 139 11.00 -31.37 14.36
C ASN B 139 9.55 -31.37 13.91
N GLN B 140 8.69 -31.99 14.72
CA GLN B 140 7.25 -32.04 14.45
C GLN B 140 6.49 -30.84 14.99
N PHE B 141 7.16 -29.95 15.71
CA PHE B 141 6.58 -28.78 16.32
C PHE B 141 7.36 -27.58 15.76
N SER B 142 6.79 -26.38 15.91
CA SER B 142 7.37 -25.20 15.26
C SER B 142 7.61 -24.07 16.24
N TYR B 143 8.84 -23.57 16.27
CA TYR B 143 9.23 -22.45 17.10
C TYR B 143 8.96 -21.12 16.42
N VAL B 144 8.39 -20.19 17.18
CA VAL B 144 8.14 -18.81 16.72
C VAL B 144 8.51 -17.86 17.87
N ASP B 145 9.07 -16.70 17.52
CA ASP B 145 9.32 -15.66 18.53
C ASP B 145 8.97 -14.25 18.02
N SER B 146 9.11 -13.27 18.93
CA SER B 146 8.73 -11.89 18.69
C SER B 146 9.52 -11.27 17.54
N SER B 147 10.75 -11.72 17.32
CA SER B 147 11.69 -11.03 16.44
C SER B 147 11.75 -11.58 15.03
N MET B 148 11.23 -12.78 14.80
CA MET B 148 11.37 -13.43 13.51
C MET B 148 10.72 -12.58 12.42
N THR B 149 11.43 -12.42 11.32
CA THR B 149 10.90 -11.67 10.19
C THR B 149 10.33 -12.58 9.13
N THR B 150 9.49 -12.00 8.27
CA THR B 150 8.84 -12.73 7.21
C THR B 150 9.66 -12.63 5.94
N VAL B 151 9.43 -13.59 5.03
CA VAL B 151 10.07 -13.53 3.71
C VAL B 151 9.87 -12.16 3.06
N GLN B 152 8.66 -11.60 3.14
CA GLN B 152 8.41 -10.31 2.50
C GLN B 152 9.19 -9.19 3.17
N GLU B 153 9.29 -9.22 4.50
CA GLU B 153 10.12 -8.25 5.20
C GLU B 153 11.58 -8.36 4.75
N ASN B 154 12.04 -9.58 4.47
CA ASN B 154 13.42 -9.81 4.07
C ASN B 154 13.70 -9.36 2.64
N GLU B 155 12.66 -9.13 1.83
CA GLU B 155 12.85 -8.61 0.47
C GLU B 155 12.98 -7.10 0.45
N LEU B 156 12.49 -6.41 1.49
CA LEU B 156 12.45 -4.95 1.52
C LEU B 156 13.59 -4.39 2.37
N SER B 161 17.65 -11.28 8.28
CA SER B 161 18.05 -11.61 6.92
C SER B 161 18.48 -13.07 6.82
N ASP B 162 18.41 -13.80 7.94
CA ASP B 162 18.73 -15.23 7.98
C ASP B 162 17.53 -16.02 7.47
N PRO B 163 17.64 -16.67 6.31
CA PRO B 163 16.44 -17.33 5.73
C PRO B 163 15.90 -18.49 6.54
N ALA B 164 16.76 -19.22 7.27
CA ALA B 164 16.30 -20.42 7.99
C ALA B 164 15.39 -20.08 9.16
N HIS B 165 15.41 -18.83 9.63
CA HIS B 165 14.65 -18.38 10.79
C HIS B 165 13.50 -17.45 10.39
N SER B 166 12.99 -17.58 9.17
CA SER B 166 11.99 -16.67 8.64
C SER B 166 10.60 -17.30 8.70
N LEU B 167 9.59 -16.43 8.68
CA LEU B 167 8.20 -16.85 8.56
C LEU B 167 7.85 -16.76 7.07
N ASN B 168 7.66 -17.91 6.45
N ASN B 168 7.62 -17.92 6.47
CA ASN B 168 7.39 -17.98 5.01
CA ASN B 168 7.36 -18.06 5.03
C ASN B 168 5.88 -17.91 4.72
C ASN B 168 5.86 -17.92 4.72
N TYR B 169 5.30 -16.77 5.08
CA TYR B 169 3.93 -16.48 4.71
C TYR B 169 3.88 -16.20 3.20
N THR B 170 2.70 -16.38 2.63
CA THR B 170 2.48 -16.11 1.21
C THR B 170 2.59 -14.61 0.97
N VAL B 171 3.46 -14.21 0.03
CA VAL B 171 3.66 -12.78 -0.20
C VAL B 171 2.45 -12.18 -0.91
N ILE B 172 1.94 -11.09 -0.36
CA ILE B 172 0.83 -10.34 -0.93
C ILE B 172 1.32 -8.91 -1.14
N ASN B 173 1.17 -8.41 -2.37
CA ASN B 173 1.66 -7.07 -2.67
C ASN B 173 0.72 -6.50 -3.74
N PHE B 174 -0.05 -5.48 -3.36
CA PHE B 174 -1.11 -4.95 -4.23
C PHE B 174 -0.56 -4.18 -5.41
N LYS B 175 0.70 -3.74 -5.36
CA LYS B 175 1.33 -3.06 -6.51
C LYS B 175 2.47 -3.92 -7.02
N SER B 176 2.09 -5.04 -7.61
CA SER B 176 3.00 -6.05 -8.09
C SER B 176 2.43 -6.64 -9.37
N ARG B 177 3.31 -7.14 -10.23
CA ARG B 177 2.82 -7.76 -11.44
C ARG B 177 1.95 -8.97 -11.16
N GLU B 178 2.19 -9.68 -10.04
CA GLU B 178 1.32 -10.80 -9.70
C GLU B 178 -0.12 -10.34 -9.48
N ALA B 179 -0.28 -9.16 -8.91
CA ALA B 179 -1.59 -8.64 -8.55
C ALA B 179 -2.31 -7.92 -9.70
N ILE B 180 -1.58 -7.54 -10.75
CA ILE B 180 -2.12 -6.63 -11.76
C ILE B 180 -1.90 -7.25 -13.13
N ARG B 181 -3.01 -7.56 -13.82
CA ARG B 181 -2.95 -8.08 -15.19
C ARG B 181 -2.61 -6.96 -16.15
N PRO B 182 -1.63 -7.15 -17.03
CA PRO B 182 -1.39 -6.17 -18.10
C PRO B 182 -2.68 -5.86 -18.83
N GLY B 183 -2.94 -4.57 -19.02
CA GLY B 183 -4.18 -4.14 -19.65
C GLY B 183 -5.38 -4.03 -18.74
N HIS B 184 -5.30 -4.54 -17.50
CA HIS B 184 -6.38 -4.39 -16.55
C HIS B 184 -5.92 -3.59 -15.35
N GLU B 185 -5.01 -2.63 -15.55
CA GLU B 185 -4.37 -1.94 -14.43
C GLU B 185 -5.39 -1.34 -13.47
N MET B 186 -6.27 -0.47 -13.98
CA MET B 186 -7.19 0.21 -13.08
C MET B 186 -8.18 -0.78 -12.50
N GLU B 187 -8.66 -1.68 -13.36
CA GLU B 187 -9.65 -2.66 -12.92
C GLU B 187 -9.10 -3.48 -11.78
N ASP B 188 -7.88 -4.03 -11.95
CA ASP B 188 -7.35 -4.96 -10.93
C ASP B 188 -6.92 -4.23 -9.67
N PHE B 189 -6.56 -2.96 -9.77
CA PHE B 189 -6.07 -2.28 -8.57
C PHE B 189 -7.23 -1.84 -7.71
N LEU B 190 -8.32 -1.43 -8.36
CA LEU B 190 -9.50 -0.96 -7.66
C LEU B 190 -10.42 -2.10 -7.22
N ASP B 191 -10.36 -3.25 -7.88
CA ASP B 191 -11.16 -4.43 -7.55
C ASP B 191 -10.23 -5.64 -7.57
N LYS B 192 -9.86 -6.16 -6.41
CA LYS B 192 -8.82 -7.16 -6.35
C LYS B 192 -9.31 -8.59 -6.55
N SER B 193 -10.50 -8.77 -7.13
CA SER B 193 -11.12 -10.10 -7.22
C SER B 193 -10.25 -11.10 -8.01
N TYR B 194 -9.63 -10.65 -9.10
N TYR B 194 -9.68 -10.63 -9.13
N TYR B 194 -9.66 -10.65 -9.11
CA TYR B 194 -8.82 -11.60 -9.87
CA TYR B 194 -8.76 -11.46 -9.91
CA TYR B 194 -8.81 -11.55 -9.88
C TYR B 194 -7.60 -12.05 -9.06
C TYR B 194 -7.67 -12.02 -9.01
C TYR B 194 -7.64 -12.04 -9.03
N TYR B 195 -7.00 -11.13 -8.29
CA TYR B 195 -5.87 -11.52 -7.45
C TYR B 195 -6.32 -12.45 -6.32
N LEU B 196 -7.46 -12.15 -5.70
CA LEU B 196 -7.98 -13.03 -4.64
C LEU B 196 -8.34 -14.40 -5.20
N ASN B 197 -9.21 -14.43 -6.23
CA ASN B 197 -9.85 -15.67 -6.62
C ASN B 197 -8.98 -16.51 -7.56
N THR B 198 -8.32 -15.89 -8.52
CA THR B 198 -7.53 -16.65 -9.49
C THR B 198 -6.11 -16.89 -9.01
N VAL B 199 -5.38 -15.82 -8.65
CA VAL B 199 -3.99 -15.93 -8.29
C VAL B 199 -3.84 -16.63 -6.94
N MET B 200 -4.58 -16.17 -5.93
CA MET B 200 -4.34 -16.66 -4.58
C MET B 200 -5.15 -17.91 -4.26
N LEU B 201 -6.48 -17.87 -4.45
CA LEU B 201 -7.33 -19.00 -4.04
C LEU B 201 -7.14 -20.19 -4.97
N GLN B 202 -7.36 -20.00 -6.27
N GLN B 202 -7.37 -20.00 -6.27
CA GLN B 202 -7.22 -21.10 -7.23
CA GLN B 202 -7.21 -21.12 -7.21
C GLN B 202 -5.77 -21.52 -7.38
C GLN B 202 -5.76 -21.53 -7.36
N GLY B 203 -4.86 -20.55 -7.50
CA GLY B 203 -3.47 -20.84 -7.78
C GLY B 203 -2.58 -21.28 -6.64
N ILE B 204 -2.57 -20.54 -5.54
CA ILE B 204 -1.57 -20.71 -4.52
C ILE B 204 -2.11 -21.49 -3.35
N PHE B 205 -3.25 -21.04 -2.78
CA PHE B 205 -3.80 -21.67 -1.59
C PHE B 205 -4.61 -22.93 -1.91
N LYS B 206 -5.16 -23.01 -3.13
CA LYS B 206 -6.00 -24.12 -3.58
C LYS B 206 -7.44 -24.02 -3.10
N ASN B 207 -7.69 -23.52 -1.87
CA ASN B 207 -9.05 -23.38 -1.38
C ASN B 207 -9.07 -22.36 -0.24
N SER B 208 -10.29 -21.94 0.13
CA SER B 208 -10.42 -20.88 1.14
C SER B 208 -10.02 -21.36 2.52
N SER B 209 -10.16 -22.66 2.80
CA SER B 209 -9.73 -23.19 4.09
C SER B 209 -8.25 -22.92 4.35
N ASN B 210 -7.37 -23.18 3.36
CA ASN B 210 -5.95 -22.90 3.55
C ASN B 210 -5.66 -21.41 3.67
N TYR B 211 -6.40 -20.57 2.94
CA TYR B 211 -6.25 -19.11 3.09
C TYR B 211 -6.60 -18.67 4.51
N PHE B 212 -7.75 -19.14 5.02
CA PHE B 212 -8.15 -18.77 6.38
C PHE B 212 -7.18 -19.33 7.41
N GLY B 213 -6.61 -20.52 7.16
CA GLY B 213 -5.66 -21.07 8.11
C GLY B 213 -4.44 -20.20 8.25
N GLU B 214 -3.93 -19.70 7.14
CA GLU B 214 -2.77 -18.82 7.22
C GLU B 214 -3.13 -17.48 7.87
N LEU B 215 -4.32 -16.96 7.55
CA LEU B 215 -4.79 -15.72 8.17
C LEU B 215 -4.89 -15.87 9.68
N GLN B 216 -5.47 -17.00 10.14
CA GLN B 216 -5.63 -17.23 11.57
C GLN B 216 -4.28 -17.44 12.25
N PHE B 217 -3.34 -18.15 11.61
CA PHE B 217 -2.01 -18.36 12.18
C PHE B 217 -1.24 -17.06 12.30
N ALA B 218 -1.36 -16.20 11.29
CA ALA B 218 -0.74 -14.88 11.33
C ALA B 218 -1.29 -14.07 12.49
N PHE B 219 -2.62 -14.01 12.66
CA PHE B 219 -3.16 -13.30 13.81
C PHE B 219 -2.61 -13.85 15.14
N LEU B 220 -2.61 -15.18 15.31
CA LEU B 220 -2.20 -15.74 16.59
C LEU B 220 -0.73 -15.41 16.89
N ASN B 221 0.15 -15.44 15.87
CA ASN B 221 1.54 -15.07 16.10
CA ASN B 221 1.54 -15.07 16.08
C ASN B 221 1.66 -13.59 16.45
N ALA B 222 0.84 -12.74 15.82
CA ALA B 222 0.84 -11.32 16.17
C ALA B 222 0.42 -11.12 17.62
N MET B 223 -0.65 -11.82 18.03
CA MET B 223 -1.19 -11.62 19.37
C MET B 223 -0.29 -12.23 20.43
N PHE B 224 0.18 -13.44 20.21
CA PHE B 224 0.90 -14.11 21.28
C PHE B 224 2.36 -13.71 21.37
N PHE B 225 2.99 -13.32 20.27
CA PHE B 225 4.42 -12.97 20.32
C PHE B 225 4.67 -11.51 20.00
N GLY B 226 3.63 -10.75 19.66
CA GLY B 226 3.88 -9.38 19.22
C GLY B 226 4.67 -9.33 17.93
N ASN B 227 4.51 -10.34 17.09
CA ASN B 227 5.30 -10.46 15.88
C ASN B 227 4.78 -9.50 14.82
N TYR B 228 5.59 -8.47 14.49
CA TYR B 228 5.08 -7.39 13.67
C TYR B 228 4.78 -7.83 12.24
N GLY B 229 5.63 -8.67 11.65
CA GLY B 229 5.39 -9.12 10.30
C GLY B 229 4.19 -10.01 10.18
N SER B 230 3.89 -10.74 11.24
CA SER B 230 2.65 -11.51 11.27
C SER B 230 1.43 -10.59 11.29
N SER B 231 1.47 -9.50 12.06
CA SER B 231 0.37 -8.55 12.02
C SER B 231 0.20 -7.97 10.62
N LEU B 232 1.30 -7.62 9.96
CA LEU B 232 1.20 -7.14 8.57
C LEU B 232 0.49 -8.15 7.68
N GLN B 233 0.85 -9.44 7.80
CA GLN B 233 0.27 -10.48 6.98
C GLN B 233 -1.24 -10.62 7.24
N TRP B 234 -1.64 -10.67 8.52
CA TRP B 234 -3.03 -10.75 8.91
C TRP B 234 -3.85 -9.63 8.24
N HIS B 235 -3.37 -8.38 8.36
CA HIS B 235 -4.11 -7.27 7.77
C HIS B 235 -4.14 -7.34 6.25
N ALA B 236 -3.05 -7.78 5.61
CA ALA B 236 -3.04 -7.86 4.15
C ALA B 236 -4.04 -8.89 3.66
N MET B 237 -4.18 -9.99 4.40
CA MET B 237 -5.12 -11.03 3.97
C MET B 237 -6.57 -10.62 4.19
N ILE B 238 -6.84 -9.80 5.20
CA ILE B 238 -8.16 -9.19 5.36
C ILE B 238 -8.42 -8.20 4.23
N GLU B 239 -7.46 -7.32 4.00
CA GLU B 239 -7.66 -6.27 3.01
C GLU B 239 -7.87 -6.86 1.63
N LEU B 240 -7.16 -7.94 1.29
CA LEU B 240 -7.33 -8.52 -0.04
C LEU B 240 -8.77 -9.00 -0.25
N ILE B 241 -9.39 -9.57 0.79
CA ILE B 241 -10.79 -9.97 0.66
C ILE B 241 -11.72 -8.77 0.60
N CYS B 242 -11.56 -7.82 1.51
CA CYS B 242 -12.48 -6.69 1.60
C CYS B 242 -12.45 -5.85 0.32
N SER B 243 -11.27 -5.73 -0.30
CA SER B 243 -11.07 -4.98 -1.54
C SER B 243 -11.42 -5.74 -2.82
N SER B 244 -12.04 -6.90 -2.71
CA SER B 244 -12.55 -7.64 -3.85
C SER B 244 -14.07 -7.49 -3.92
N ALA B 245 -14.58 -7.08 -5.09
CA ALA B 245 -16.02 -6.98 -5.28
C ALA B 245 -16.69 -8.34 -5.37
N THR B 246 -15.98 -9.39 -5.77
CA THR B 246 -16.57 -10.69 -6.02
C THR B 246 -15.90 -11.71 -5.11
N VAL B 247 -16.61 -12.08 -4.06
CA VAL B 247 -16.13 -13.03 -3.07
C VAL B 247 -17.25 -14.03 -2.84
N PRO B 248 -16.98 -15.32 -2.91
CA PRO B 248 -18.01 -16.30 -2.52
C PRO B 248 -18.67 -15.99 -1.19
N LYS B 249 -20.00 -16.14 -1.14
CA LYS B 249 -20.79 -15.69 0.00
C LYS B 249 -20.40 -16.46 1.27
N HIS B 250 -20.05 -17.74 1.11
CA HIS B 250 -19.62 -18.54 2.26
C HIS B 250 -18.29 -18.05 2.82
N MET B 251 -17.40 -17.51 1.97
CA MET B 251 -16.15 -16.98 2.51
C MET B 251 -16.41 -15.73 3.32
N LEU B 252 -17.30 -14.84 2.85
CA LEU B 252 -17.58 -13.62 3.59
C LEU B 252 -18.21 -13.93 4.93
N ASP B 253 -19.15 -14.86 4.95
CA ASP B 253 -19.78 -15.22 6.21
C ASP B 253 -18.76 -15.84 7.17
N LYS B 254 -17.89 -16.70 6.63
CA LYS B 254 -16.86 -17.29 7.48
C LYS B 254 -15.87 -16.24 7.95
N LEU B 255 -15.45 -15.32 7.05
CA LEU B 255 -14.51 -14.27 7.49
C LEU B 255 -15.11 -13.47 8.64
N ASP B 256 -16.39 -13.16 8.58
CA ASP B 256 -17.01 -12.38 9.64
C ASP B 256 -16.89 -13.09 10.98
N GLU B 257 -17.13 -14.40 11.00
CA GLU B 257 -16.96 -15.19 12.24
C GLU B 257 -15.51 -15.20 12.71
N ILE B 258 -14.56 -15.43 11.77
CA ILE B 258 -13.15 -15.48 12.13
C ILE B 258 -12.72 -14.18 12.82
N LEU B 259 -13.00 -13.06 12.17
CA LEU B 259 -12.56 -11.76 12.69
C LEU B 259 -13.25 -11.43 14.00
N TYR B 260 -14.54 -11.78 14.12
CA TYR B 260 -15.26 -11.54 15.36
C TYR B 260 -14.52 -12.17 16.53
N TYR B 261 -14.13 -13.44 16.38
CA TYR B 261 -13.49 -14.11 17.51
C TYR B 261 -12.07 -13.59 17.76
N GLN B 262 -11.40 -13.10 16.71
CA GLN B 262 -10.08 -12.51 16.88
C GLN B 262 -10.18 -11.21 17.64
N ILE B 263 -11.13 -10.36 17.27
CA ILE B 263 -11.32 -9.08 17.96
C ILE B 263 -11.81 -9.33 19.39
N LYS B 264 -12.64 -10.34 19.57
CA LYS B 264 -13.11 -10.62 20.93
C LYS B 264 -11.96 -11.02 21.84
N THR B 265 -11.00 -11.78 21.32
CA THR B 265 -9.92 -12.34 22.14
C THR B 265 -8.80 -11.33 22.37
N LEU B 266 -8.66 -10.35 21.49
CA LEU B 266 -7.55 -9.42 21.58
C LEU B 266 -7.57 -8.68 22.92
N PRO B 267 -6.46 -8.65 23.67
CA PRO B 267 -6.42 -7.80 24.86
C PRO B 267 -6.74 -6.35 24.53
N GLU B 268 -7.65 -5.77 25.31
CA GLU B 268 -8.09 -4.41 25.05
C GLU B 268 -6.90 -3.44 25.01
N GLN B 269 -5.86 -3.72 25.79
CA GLN B 269 -4.74 -2.80 25.93
C GLN B 269 -3.66 -2.97 24.85
N TYR B 270 -3.78 -3.99 23.98
CA TYR B 270 -2.88 -4.15 22.84
C TYR B 270 -3.49 -3.65 21.54
N SER B 271 -4.69 -3.09 21.57
CA SER B 271 -5.34 -2.68 20.34
C SER B 271 -4.54 -1.60 19.61
N ASP B 272 -3.87 -0.71 20.37
CA ASP B 272 -3.14 0.39 19.75
C ASP B 272 -2.05 -0.09 18.81
N ILE B 273 -1.43 -1.24 19.11
CA ILE B 273 -0.30 -1.74 18.35
C ILE B 273 -0.66 -2.87 17.40
N LEU B 274 -1.72 -3.65 17.71
CA LEU B 274 -2.09 -4.79 16.89
C LEU B 274 -3.18 -4.51 15.86
N LEU B 275 -3.75 -3.30 15.82
CA LEU B 275 -4.82 -2.99 14.87
C LEU B 275 -4.44 -1.79 14.02
N ASN B 276 -4.44 -1.98 12.70
CA ASN B 276 -4.12 -0.94 11.74
C ASN B 276 -5.38 -0.12 11.42
N GLU B 277 -5.40 1.13 11.86
CA GLU B 277 -6.54 2.02 11.65
C GLU B 277 -6.98 2.07 10.19
N ARG B 278 -6.03 2.23 9.26
CA ARG B 278 -6.40 2.40 7.86
C ARG B 278 -7.12 1.17 7.33
N VAL B 279 -6.55 -0.02 7.59
CA VAL B 279 -7.15 -1.24 7.08
C VAL B 279 -8.57 -1.38 7.61
N TRP B 280 -8.75 -1.20 8.91
CA TRP B 280 -10.05 -1.51 9.49
C TRP B 280 -11.10 -0.50 9.06
N ASN B 281 -10.77 0.79 9.04
CA ASN B 281 -11.73 1.78 8.56
C ASN B 281 -12.07 1.54 7.09
N ILE B 282 -11.07 1.25 6.27
CA ILE B 282 -11.35 0.94 4.87
C ILE B 282 -12.23 -0.31 4.76
N CYS B 283 -11.89 -1.35 5.51
CA CYS B 283 -12.62 -2.62 5.37
C CYS B 283 -14.08 -2.48 5.83
N LEU B 284 -14.30 -1.82 6.97
CA LEU B 284 -15.65 -1.77 7.53
C LEU B 284 -16.53 -0.68 6.91
N TYR B 285 -15.96 0.37 6.33
CA TYR B 285 -16.73 1.56 5.96
C TYR B 285 -16.57 2.01 4.52
N SER B 286 -15.51 1.62 3.81
CA SER B 286 -15.28 2.05 2.44
C SER B 286 -15.26 0.91 1.43
N SER B 287 -14.92 -0.31 1.84
CA SER B 287 -14.63 -1.36 0.87
C SER B 287 -15.90 -1.93 0.29
N PHE B 288 -15.73 -2.79 -0.72
CA PHE B 288 -16.84 -3.51 -1.31
C PHE B 288 -17.61 -4.30 -0.26
N GLN B 289 -16.90 -4.78 0.76
CA GLN B 289 -17.49 -5.65 1.77
C GLN B 289 -17.88 -4.89 3.04
N LYS B 290 -18.02 -3.57 2.94
CA LYS B 290 -18.37 -2.73 4.08
C LYS B 290 -19.65 -3.16 4.76
N ASN B 291 -20.54 -3.87 4.06
CA ASN B 291 -21.82 -4.29 4.61
C ASN B 291 -21.91 -5.79 4.78
N SER B 292 -20.80 -6.50 4.69
CA SER B 292 -20.81 -7.96 4.72
C SER B 292 -20.21 -8.52 6.01
N LEU B 293 -19.78 -7.67 6.92
CA LEU B 293 -19.10 -8.14 8.13
C LEU B 293 -19.85 -7.63 9.35
N HIS B 294 -21.12 -8.04 9.50
CA HIS B 294 -21.97 -7.45 10.52
C HIS B 294 -21.49 -7.75 11.93
N ASN B 295 -21.08 -9.00 12.19
CA ASN B 295 -20.68 -9.33 13.55
C ASN B 295 -19.38 -8.62 13.91
N THR B 296 -18.45 -8.57 12.96
CA THR B 296 -17.18 -7.91 13.19
C THR B 296 -17.36 -6.41 13.38
N GLU B 297 -18.18 -5.79 12.53
CA GLU B 297 -18.45 -4.35 12.68
C GLU B 297 -19.06 -4.03 14.05
N LYS B 298 -19.99 -4.86 14.51
CA LYS B 298 -20.61 -4.59 15.81
C LYS B 298 -19.62 -4.70 16.96
N ILE B 299 -18.76 -5.74 17.00
CA ILE B 299 -17.83 -5.85 18.10
C ILE B 299 -16.76 -4.77 18.03
N MET B 300 -16.28 -4.43 16.84
CA MET B 300 -15.31 -3.36 16.71
C MET B 300 -15.87 -2.03 17.21
N GLU B 301 -17.11 -1.70 16.80
CA GLU B 301 -17.73 -0.44 17.22
C GLU B 301 -17.98 -0.38 18.71
N ASN B 302 -18.26 -1.51 19.36
CA ASN B 302 -18.51 -1.49 20.80
C ASN B 302 -17.27 -1.62 21.66
N LYS B 303 -16.20 -2.19 21.11
CA LYS B 303 -14.98 -2.45 21.87
C LYS B 303 -13.84 -1.48 21.54
N TYR B 304 -13.74 -1.01 20.31
CA TYR B 304 -12.65 -0.11 19.91
C TYR B 304 -13.17 1.05 19.06
N PRO B 305 -14.14 1.83 19.57
CA PRO B 305 -14.65 2.94 18.75
C PRO B 305 -13.65 4.05 18.52
N GLU B 306 -12.58 4.12 19.33
CA GLU B 306 -11.55 5.13 19.15
C GLU B 306 -10.83 4.94 17.82
N LEU B 307 -10.35 3.73 17.57
CA LEU B 307 -9.67 3.43 16.31
C LEU B 307 -10.48 3.90 15.12
N LEU B 308 -11.80 3.89 15.22
CA LEU B 308 -12.65 4.26 14.10
C LEU B 308 -13.22 5.66 14.29
N1 W0R C . 2.93 -23.86 38.58
C7 W0R C . 0.93 -24.59 39.74
C8 W0R C . 0.27 -23.43 39.34
C9 W0R C . 0.96 -22.49 38.58
C1 W0R C . 2.46 -29.64 45.94
C5 W0R C . 0.06 -27.67 41.86
C6 W0R C . 0.90 -26.78 40.96
C4 W0R C . 0.48 -27.32 43.28
C3 W0R C . 2.18 -29.15 44.51
C2 W0R C . 1.89 -31.03 46.12
O W0R C . 2.01 -27.12 40.61
S W0R C . 0.40 -28.82 44.29
C W0R C . 1.87 -28.69 46.98
N W0R C . 0.32 -25.57 40.56
C11 W0R C . 2.27 -24.76 39.32
C10 W0R C . 2.28 -22.74 38.22
#